data_3GT5
#
_entry.id   3GT5
#
_cell.length_a   58.401
_cell.length_b   72.052
_cell.length_c   99.606
_cell.angle_alpha   90.000
_cell.angle_beta   90.000
_cell.angle_gamma   90.000
#
_symmetry.space_group_name_H-M   'P 21 21 21'
#
loop_
_entity.id
_entity.type
_entity.pdbx_description
1 polymer 'N-acetylglucosamine 2-epimerase'
2 non-polymer 'CHLORIDE ION'
3 water water
#
_entity_poly.entity_id   1
_entity_poly.type   'polypeptide(L)'
_entity_poly.pdbx_seq_one_letter_code
;MSLDFRSADFLRTHISDTMAFYHPRCIDSAGGFFHYFRDDGSIYNATHRHLVSSTRFVFNYAMAYLQFGTAEYLDAVHHG
LSYVRDVHRNPATGGYAWTLCDDRVEDDTNHCYGLAFVMLAYSCGLKVGIKQAREWMDETWCLLERHFWDAEYGLYKDEA
DAQWNFTRYRGQNANMHMCEAMLAAYEASGEQRYLERALVLADRITRRQAAKADGLVWEHYDMRWEVDWDYNRDNPKHLF
RPWGFQPGHQTEWAKLLLILDRYIEVEWLVPVARSLFDVAVARSWDAVRGGLCYGFAPDGTICDDDKYFWVQAESLAAAA
LLATRSGDERYWQWYDRLWAYAWQHMVDHRYGAWYRLLDGDNRKYNDEKSPAGKTDYHTMGACHEVLNVVWTKSEGHHHH
HH
;
_entity_poly.pdbx_strand_id   A
#
# COMPACT_ATOMS: atom_id res chain seq x y z
N SER A 2 -23.10 -3.08 -17.67
CA SER A 2 -24.19 -2.27 -17.05
C SER A 2 -23.95 -1.94 -15.56
N LEU A 3 -23.11 -2.71 -14.88
CA LEU A 3 -22.73 -2.44 -13.48
C LEU A 3 -22.09 -1.05 -13.46
N ASP A 4 -22.53 -0.16 -12.56
CA ASP A 4 -21.93 1.17 -12.50
C ASP A 4 -20.77 1.14 -11.50
N PHE A 5 -19.56 0.91 -12.02
CA PHE A 5 -18.34 0.86 -11.18
C PHE A 5 -17.98 2.17 -10.51
N ARG A 6 -18.54 3.28 -11.00
CA ARG A 6 -18.28 4.60 -10.42
C ARG A 6 -19.26 4.96 -9.32
N SER A 7 -20.28 4.14 -9.06
CA SER A 7 -21.25 4.48 -8.02
C SER A 7 -20.80 4.11 -6.62
N ALA A 8 -21.17 4.93 -5.63
CA ALA A 8 -20.97 4.60 -4.24
C ALA A 8 -21.62 3.27 -3.82
N ASP A 9 -22.78 2.94 -4.42
CA ASP A 9 -23.46 1.68 -4.19
C ASP A 9 -22.52 0.51 -4.50
N PHE A 10 -21.91 0.56 -5.68
CA PHE A 10 -21.00 -0.48 -6.09
C PHE A 10 -19.81 -0.55 -5.11
N LEU A 11 -19.19 0.61 -4.88
CA LEU A 11 -17.96 0.63 -4.05
C LEU A 11 -18.19 0.17 -2.62
N ARG A 12 -19.28 0.63 -2.00
CA ARG A 12 -19.60 0.23 -0.65
C ARG A 12 -19.93 -1.26 -0.54
N THR A 13 -20.67 -1.76 -1.52
CA THR A 13 -21.03 -3.17 -1.55
C THR A 13 -19.78 -3.99 -1.72
N HIS A 14 -18.87 -3.55 -2.59
CA HIS A 14 -17.65 -4.29 -2.82
C HIS A 14 -16.78 -4.36 -1.58
N ILE A 15 -16.64 -3.23 -0.89
CA ILE A 15 -15.90 -3.21 0.35
C ILE A 15 -16.53 -4.18 1.38
N SER A 16 -17.85 -4.18 1.47
CA SER A 16 -18.55 -5.02 2.43
CA SER A 16 -18.50 -5.03 2.46
C SER A 16 -18.40 -6.49 2.06
N ASP A 17 -18.35 -6.78 0.76
CA ASP A 17 -18.12 -8.17 0.32
C ASP A 17 -16.71 -8.67 0.76
N THR A 18 -15.71 -7.82 0.60
CA THR A 18 -14.35 -8.20 1.01
C THR A 18 -14.23 -8.30 2.53
N MET A 19 -14.87 -7.41 3.27
CA MET A 19 -14.92 -7.53 4.72
C MET A 19 -15.58 -8.83 5.17
N ALA A 20 -16.60 -9.28 4.44
CA ALA A 20 -17.26 -10.55 4.75
C ALA A 20 -16.33 -11.75 4.55
N PHE A 21 -15.34 -11.66 3.66
CA PHE A 21 -14.34 -12.73 3.53
C PHE A 21 -13.48 -12.85 4.81
N TYR A 22 -12.99 -11.72 5.30
CA TYR A 22 -12.00 -11.73 6.39
C TYR A 22 -12.66 -11.78 7.78
N HIS A 23 -13.82 -11.15 7.91
CA HIS A 23 -14.44 -10.98 9.21
C HIS A 23 -15.54 -12.03 9.43
N PRO A 24 -15.52 -12.74 10.58
CA PRO A 24 -14.58 -12.62 11.70
C PRO A 24 -13.44 -13.67 11.72
N ARG A 25 -13.28 -14.42 10.64
CA ARG A 25 -12.33 -15.53 10.63
C ARG A 25 -10.85 -15.14 10.79
N CYS A 26 -10.51 -13.88 10.46
CA CYS A 26 -9.13 -13.43 10.60
C CYS A 26 -8.69 -13.15 12.03
N ILE A 27 -9.63 -13.06 12.98
CA ILE A 27 -9.34 -12.63 14.35
C ILE A 27 -8.86 -13.82 15.19
N ASP A 28 -7.67 -13.67 15.75
CA ASP A 28 -7.14 -14.66 16.65
C ASP A 28 -7.38 -14.15 18.06
N SER A 29 -8.30 -14.80 18.78
CA SER A 29 -8.63 -14.44 20.16
C SER A 29 -7.41 -14.49 21.08
N ALA A 30 -6.41 -15.30 20.73
CA ALA A 30 -5.12 -15.34 21.45
C ALA A 30 -4.22 -14.12 21.21
N GLY A 31 -4.50 -13.30 20.20
CA GLY A 31 -3.65 -12.14 19.86
C GLY A 31 -3.56 -11.89 18.34
N GLY A 32 -3.90 -10.66 17.94
CA GLY A 32 -3.79 -10.21 16.54
C GLY A 32 -4.69 -10.96 15.57
N PHE A 33 -4.22 -11.08 14.34
CA PHE A 33 -4.96 -11.70 13.25
C PHE A 33 -4.14 -12.83 12.65
N PHE A 34 -4.84 -13.81 12.07
CA PHE A 34 -4.20 -14.82 11.23
C PHE A 34 -3.83 -14.11 9.90
N HIS A 35 -2.72 -14.51 9.31
CA HIS A 35 -2.17 -13.80 8.14
C HIS A 35 -2.10 -14.61 6.83
N TYR A 36 -2.53 -15.88 6.83
CA TYR A 36 -2.43 -16.74 5.65
C TYR A 36 -3.78 -17.41 5.37
N PHE A 37 -4.43 -17.01 4.28
CA PHE A 37 -5.76 -17.49 3.93
C PHE A 37 -5.83 -18.10 2.55
N ARG A 38 -6.49 -19.26 2.46
CA ARG A 38 -6.87 -19.83 1.19
C ARG A 38 -8.07 -19.14 0.54
N ASP A 39 -8.35 -19.49 -0.72
CA ASP A 39 -9.45 -18.88 -1.46
C ASP A 39 -10.76 -18.97 -0.69
N ASP A 40 -10.97 -20.09 0.00
CA ASP A 40 -12.25 -20.31 0.69
C ASP A 40 -12.26 -19.75 2.10
N GLY A 41 -11.18 -19.07 2.50
CA GLY A 41 -11.12 -18.43 3.81
C GLY A 41 -10.45 -19.23 4.89
N SER A 42 -10.11 -20.49 4.61
CA SER A 42 -9.49 -21.31 5.62
C SER A 42 -8.06 -20.83 5.87
N ILE A 43 -7.58 -21.03 7.10
CA ILE A 43 -6.26 -20.56 7.54
C ILE A 43 -5.23 -21.65 7.28
N TYR A 44 -4.20 -21.34 6.50
CA TYR A 44 -3.22 -22.37 6.14
C TYR A 44 -1.90 -22.25 6.87
N ASN A 45 -1.73 -21.18 7.64
CA ASN A 45 -0.58 -21.05 8.52
C ASN A 45 -1.04 -20.13 9.62
N ALA A 46 -1.27 -20.66 10.80
CA ALA A 46 -1.86 -19.89 11.90
C ALA A 46 -0.79 -19.29 12.80
N THR A 47 0.42 -19.81 12.74
CA THR A 47 1.47 -19.44 13.67
C THR A 47 2.42 -18.32 13.18
N HIS A 48 2.65 -18.23 11.89
CA HIS A 48 3.59 -17.24 11.36
C HIS A 48 2.86 -15.90 11.20
N ARG A 49 3.46 -14.81 11.70
CA ARG A 49 2.87 -13.47 11.61
C ARG A 49 3.88 -12.45 11.05
N HIS A 50 3.34 -11.51 10.27
CA HIS A 50 4.11 -10.52 9.58
C HIS A 50 3.64 -9.14 9.96
N LEU A 51 4.61 -8.26 10.22
CA LEU A 51 4.27 -6.89 10.62
C LEU A 51 3.38 -6.20 9.58
N VAL A 52 3.62 -6.42 8.29
CA VAL A 52 2.83 -5.74 7.24
C VAL A 52 1.34 -6.19 7.32
N SER A 53 1.07 -7.46 7.56
CA SER A 53 -0.35 -7.89 7.79
C SER A 53 -0.96 -7.35 9.10
N SER A 54 -0.20 -7.43 10.19
CA SER A 54 -0.68 -6.94 11.49
C SER A 54 -1.14 -5.48 11.39
N THR A 55 -0.37 -4.65 10.72
CA THR A 55 -0.72 -3.24 10.54
C THR A 55 -1.83 -3.01 9.49
N ARG A 56 -1.75 -3.71 8.37
CA ARG A 56 -2.75 -3.51 7.30
C ARG A 56 -4.14 -3.91 7.77
N PHE A 57 -4.24 -4.96 8.59
CA PHE A 57 -5.58 -5.33 9.12
C PHE A 57 -6.16 -4.25 10.04
N VAL A 58 -5.33 -3.51 10.76
CA VAL A 58 -5.83 -2.34 11.52
C VAL A 58 -6.43 -1.30 10.56
N PHE A 59 -5.76 -1.02 9.44
CA PHE A 59 -6.32 -0.15 8.41
C PHE A 59 -7.69 -0.67 7.91
N ASN A 60 -7.76 -1.95 7.53
CA ASN A 60 -8.97 -2.61 6.97
C ASN A 60 -10.13 -2.26 7.90
N TYR A 61 -9.93 -2.52 9.17
CA TYR A 61 -11.06 -2.43 10.10
C TYR A 61 -11.36 -0.99 10.45
N ALA A 62 -10.32 -0.14 10.59
CA ALA A 62 -10.55 1.29 10.84
C ALA A 62 -11.31 1.98 9.74
N MET A 63 -10.92 1.77 8.48
CA MET A 63 -11.59 2.41 7.38
C MET A 63 -13.03 1.85 7.23
N ALA A 64 -13.21 0.56 7.48
CA ALA A 64 -14.56 -0.02 7.50
C ALA A 64 -15.45 0.52 8.62
N TYR A 65 -14.91 0.69 9.82
CA TYR A 65 -15.66 1.33 10.90
C TYR A 65 -16.08 2.76 10.53
N LEU A 66 -15.17 3.55 9.95
CA LEU A 66 -15.47 4.92 9.51
C LEU A 66 -16.55 4.96 8.43
N GLN A 67 -16.59 3.94 7.60
CA GLN A 67 -17.59 3.89 6.56
C GLN A 67 -18.94 3.38 7.03
N PHE A 68 -18.95 2.35 7.86
CA PHE A 68 -20.16 1.61 8.18
C PHE A 68 -20.60 1.77 9.65
N GLY A 69 -19.70 2.15 10.56
CA GLY A 69 -20.01 2.23 12.00
C GLY A 69 -20.14 0.95 12.82
N THR A 70 -19.79 -0.19 12.23
CA THR A 70 -20.05 -1.47 12.87
C THR A 70 -19.15 -1.63 14.11
N ALA A 71 -19.75 -1.85 15.28
CA ALA A 71 -19.00 -1.97 16.53
C ALA A 71 -17.94 -3.05 16.56
N GLU A 72 -18.23 -4.20 15.97
CA GLU A 72 -17.28 -5.28 15.84
C GLU A 72 -15.99 -4.80 15.14
N TYR A 73 -16.10 -3.83 14.25
CA TYR A 73 -14.92 -3.34 13.51
C TYR A 73 -14.06 -2.46 14.39
N LEU A 74 -14.70 -1.60 15.20
CA LEU A 74 -13.96 -0.80 16.20
C LEU A 74 -13.24 -1.70 17.22
N ASP A 75 -13.90 -2.73 17.71
CA ASP A 75 -13.26 -3.71 18.59
C ASP A 75 -12.02 -4.38 17.98
N ALA A 76 -12.11 -4.67 16.68
CA ALA A 76 -11.01 -5.30 15.96
C ALA A 76 -9.84 -4.33 15.78
N VAL A 77 -10.11 -3.04 15.60
CA VAL A 77 -9.02 -2.01 15.56
C VAL A 77 -8.22 -2.05 16.87
N HIS A 78 -8.93 -2.04 18.02
CA HIS A 78 -8.26 -2.16 19.35
C HIS A 78 -7.43 -3.46 19.52
N HIS A 79 -8.02 -4.59 19.16
CA HIS A 79 -7.35 -5.86 19.19
C HIS A 79 -6.06 -5.85 18.34
N GLY A 80 -6.17 -5.33 17.11
CA GLY A 80 -5.02 -5.26 16.20
C GLY A 80 -3.92 -4.36 16.69
N LEU A 81 -4.30 -3.19 17.21
CA LEU A 81 -3.31 -2.28 17.77
C LEU A 81 -2.61 -2.85 19.02
N SER A 82 -3.34 -3.61 19.87
CA SER A 82 -2.69 -4.28 20.99
C SER A 82 -1.60 -5.24 20.53
N TYR A 83 -1.87 -6.01 19.50
CA TYR A 83 -0.88 -6.89 18.98
C TYR A 83 0.38 -6.15 18.48
N VAL A 84 0.18 -5.05 17.75
CA VAL A 84 1.30 -4.23 17.25
C VAL A 84 2.11 -3.70 18.42
N ARG A 85 1.44 -3.20 19.46
CA ARG A 85 2.18 -2.58 20.57
C ARG A 85 2.75 -3.54 21.62
N ASP A 86 2.09 -4.68 21.84
CA ASP A 86 2.46 -5.62 22.91
C ASP A 86 3.29 -6.77 22.46
N VAL A 87 3.19 -7.12 21.16
CA VAL A 87 3.89 -8.30 20.64
C VAL A 87 4.96 -7.93 19.62
N HIS A 88 4.65 -7.07 18.64
CA HIS A 88 5.67 -6.66 17.66
C HIS A 88 6.72 -5.71 18.25
N ARG A 89 6.26 -4.76 19.04
CA ARG A 89 7.14 -3.69 19.48
C ARG A 89 8.09 -4.15 20.59
N ASN A 90 9.35 -3.85 20.39
CA ASN A 90 10.42 -4.09 21.35
C ASN A 90 10.57 -2.83 22.23
N PRO A 91 10.11 -2.89 23.48
CA PRO A 91 10.19 -1.73 24.38
C PRO A 91 11.61 -1.22 24.61
N ALA A 92 12.62 -2.10 24.51
CA ALA A 92 14.03 -1.68 24.72
C ALA A 92 14.60 -0.81 23.62
N THR A 93 14.17 -1.02 22.37
CA THR A 93 14.77 -0.34 21.21
C THR A 93 13.78 0.61 20.52
N GLY A 94 12.48 0.37 20.70
CA GLY A 94 11.45 1.11 19.96
C GLY A 94 11.17 0.50 18.59
N GLY A 95 11.96 -0.50 18.19
CA GLY A 95 11.73 -1.16 16.91
C GLY A 95 10.65 -2.23 16.99
N TYR A 96 10.27 -2.75 15.80
CA TYR A 96 9.13 -3.66 15.68
C TYR A 96 9.58 -4.90 14.99
N ALA A 97 9.21 -6.05 15.52
CA ALA A 97 9.53 -7.32 14.88
C ALA A 97 8.90 -7.36 13.49
N TRP A 98 9.71 -7.71 12.49
CA TRP A 98 9.23 -7.90 11.11
C TRP A 98 8.36 -9.15 10.96
N THR A 99 8.84 -10.28 11.49
CA THR A 99 8.06 -11.51 11.52
C THR A 99 8.17 -12.20 12.90
N LEU A 100 7.11 -12.91 13.24
CA LEU A 100 6.98 -13.64 14.50
C LEU A 100 6.57 -15.04 14.17
N CYS A 101 6.96 -15.97 15.03
CA CYS A 101 6.46 -17.32 14.95
C CYS A 101 6.10 -17.75 16.36
N ASP A 102 4.81 -18.01 16.56
CA ASP A 102 4.20 -18.25 17.88
C ASP A 102 4.55 -17.18 18.93
N ASP A 103 4.42 -15.92 18.54
CA ASP A 103 4.70 -14.75 19.39
C ASP A 103 6.18 -14.62 19.79
N ARG A 104 7.04 -15.51 19.27
CA ARG A 104 8.50 -15.35 19.37
C ARG A 104 9.03 -14.61 18.12
N VAL A 105 9.95 -13.68 18.31
CA VAL A 105 10.53 -12.93 17.21
C VAL A 105 11.34 -13.84 16.29
N GLU A 106 10.98 -13.86 15.01
CA GLU A 106 11.70 -14.62 14.01
C GLU A 106 12.68 -13.73 13.25
N ASP A 107 12.25 -12.55 12.82
CA ASP A 107 13.14 -11.63 12.13
C ASP A 107 12.96 -10.28 12.80
N ASP A 108 14.02 -9.79 13.43
CA ASP A 108 13.97 -8.53 14.17
C ASP A 108 14.57 -7.37 13.38
N THR A 109 14.79 -7.57 12.09
CA THR A 109 15.26 -6.49 11.20
C THR A 109 14.32 -5.32 11.23
N ASN A 110 14.89 -4.12 11.36
CA ASN A 110 14.14 -2.86 11.41
C ASN A 110 13.95 -2.26 10.02
N HIS A 111 12.79 -2.50 9.44
CA HIS A 111 12.48 -2.07 8.09
C HIS A 111 11.71 -0.79 8.09
N CYS A 112 12.19 0.21 7.38
CA CYS A 112 11.44 1.46 7.20
C CYS A 112 10.05 1.16 6.62
N TYR A 113 9.97 0.18 5.70
CA TYR A 113 8.69 -0.22 5.13
C TYR A 113 7.70 -0.58 6.23
N GLY A 114 8.18 -1.31 7.23
CA GLY A 114 7.43 -1.66 8.46
C GLY A 114 6.95 -0.46 9.23
N LEU A 115 7.84 0.49 9.50
CA LEU A 115 7.45 1.70 10.20
C LEU A 115 6.42 2.58 9.46
N ALA A 116 6.44 2.59 8.11
CA ALA A 116 5.41 3.30 7.35
C ALA A 116 4.04 2.71 7.72
N PHE A 117 3.97 1.39 7.70
CA PHE A 117 2.74 0.67 8.05
C PHE A 117 2.32 0.82 9.50
N VAL A 118 3.28 0.85 10.40
CA VAL A 118 2.99 1.18 11.80
C VAL A 118 2.41 2.59 11.94
N MET A 119 3.03 3.59 11.27
CA MET A 119 2.53 5.00 11.26
C MET A 119 1.09 5.06 10.71
N LEU A 120 0.83 4.32 9.64
CA LEU A 120 -0.49 4.25 9.09
C LEU A 120 -1.49 3.62 10.07
N ALA A 121 -1.11 2.52 10.73
CA ALA A 121 -2.00 1.87 11.70
C ALA A 121 -2.33 2.84 12.86
N TYR A 122 -1.30 3.53 13.36
CA TYR A 122 -1.55 4.47 14.48
C TYR A 122 -2.42 5.65 14.04
N SER A 123 -2.24 6.14 12.80
CA SER A 123 -3.06 7.24 12.27
C SER A 123 -4.53 6.79 12.16
N CYS A 124 -4.72 5.56 11.70
CA CYS A 124 -6.06 4.96 11.71
C CYS A 124 -6.64 4.88 13.12
N GLY A 125 -5.84 4.48 14.11
CA GLY A 125 -6.26 4.46 15.50
C GLY A 125 -6.76 5.80 15.99
N LEU A 126 -6.05 6.89 15.67
CA LEU A 126 -6.50 8.22 16.07
C LEU A 126 -7.80 8.61 15.34
N LYS A 127 -7.91 8.29 14.05
CA LYS A 127 -9.11 8.57 13.28
C LYS A 127 -10.36 7.98 13.89
N VAL A 128 -10.25 6.82 14.55
CA VAL A 128 -11.42 6.14 15.15
C VAL A 128 -11.61 6.54 16.60
N GLY A 129 -10.80 7.49 17.04
CA GLY A 129 -11.01 8.16 18.35
C GLY A 129 -10.12 7.65 19.45
N ILE A 130 -9.07 6.88 19.15
CA ILE A 130 -8.15 6.44 20.20
C ILE A 130 -7.15 7.59 20.47
N LYS A 131 -7.39 8.37 21.53
CA LYS A 131 -6.64 9.62 21.64
C LYS A 131 -5.15 9.38 21.89
N GLN A 132 -4.84 8.27 22.52
CA GLN A 132 -3.47 7.86 22.85
C GLN A 132 -2.61 7.66 21.59
N ALA A 133 -3.27 7.32 20.48
CA ALA A 133 -2.59 7.12 19.20
C ALA A 133 -1.84 8.38 18.71
N ARG A 134 -2.26 9.58 19.14
CA ARG A 134 -1.56 10.78 18.78
C ARG A 134 -0.12 10.72 19.34
N GLU A 135 0.03 10.20 20.56
CA GLU A 135 1.36 10.05 21.19
C GLU A 135 2.16 8.94 20.50
N TRP A 136 1.50 7.84 20.14
CA TRP A 136 2.19 6.73 19.46
C TRP A 136 2.75 7.19 18.14
N MET A 137 1.98 8.07 17.46
CA MET A 137 2.41 8.71 16.20
C MET A 137 3.65 9.58 16.45
N ASP A 138 3.61 10.38 17.51
CA ASP A 138 4.75 11.21 17.84
C ASP A 138 5.98 10.35 18.18
N GLU A 139 5.80 9.25 18.90
CA GLU A 139 6.89 8.31 19.25
C GLU A 139 7.49 7.72 17.98
N THR A 140 6.62 7.39 17.01
CA THR A 140 7.09 6.79 15.74
C THR A 140 7.84 7.86 14.92
N TRP A 141 7.32 9.07 14.86
CA TRP A 141 8.02 10.19 14.21
C TRP A 141 9.45 10.35 14.83
N CYS A 142 9.51 10.37 16.14
CA CYS A 142 10.81 10.55 16.82
C CYS A 142 11.79 9.44 16.49
N LEU A 143 11.31 8.20 16.47
CA LEU A 143 12.12 7.04 16.12
C LEU A 143 12.65 7.14 14.69
N LEU A 144 11.78 7.51 13.74
CA LEU A 144 12.15 7.76 12.36
C LEU A 144 13.18 8.89 12.24
N GLU A 145 12.98 9.98 12.98
CA GLU A 145 13.96 11.10 12.89
C GLU A 145 15.31 10.71 13.45
N ARG A 146 15.30 9.93 14.53
CA ARG A 146 16.51 9.52 15.23
C ARG A 146 17.35 8.60 14.36
N HIS A 147 16.73 7.65 13.66
CA HIS A 147 17.49 6.60 12.96
C HIS A 147 17.41 6.60 11.45
N PHE A 148 16.22 6.86 10.89
CA PHE A 148 15.99 6.62 9.48
C PHE A 148 16.10 7.84 8.56
N TRP A 149 15.72 9.01 9.06
CA TRP A 149 15.67 10.20 8.22
C TRP A 149 17.06 10.66 7.81
N ASP A 150 17.22 10.97 6.53
CA ASP A 150 18.49 11.54 6.02
C ASP A 150 18.19 12.91 5.43
N ALA A 151 18.32 13.95 6.25
CA ALA A 151 17.94 15.31 5.80
C ALA A 151 18.63 15.80 4.51
N GLU A 152 19.86 15.36 4.28
CA GLU A 152 20.68 15.78 3.15
C GLU A 152 20.00 15.37 1.82
N TYR A 153 19.34 14.21 1.85
CA TYR A 153 18.65 13.67 0.69
C TYR A 153 17.13 13.91 0.68
N GLY A 154 16.56 14.25 1.83
CA GLY A 154 15.10 14.41 1.96
C GLY A 154 14.31 13.10 1.85
N LEU A 155 14.99 12.01 2.20
CA LEU A 155 14.45 10.65 2.16
C LEU A 155 14.89 9.75 3.33
N TYR A 156 14.10 8.71 3.63
CA TYR A 156 14.41 7.76 4.68
C TYR A 156 15.28 6.65 4.11
N LYS A 157 16.23 6.22 4.95
CA LYS A 157 16.99 5.00 4.73
CA LYS A 157 16.99 4.99 4.73
C LYS A 157 16.10 3.78 4.91
N ASP A 158 16.52 2.64 4.39
CA ASP A 158 15.57 1.50 4.33
C ASP A 158 15.60 0.49 5.46
N GLU A 159 16.79 0.04 5.85
CA GLU A 159 16.87 -1.21 6.60
C GLU A 159 18.06 -1.18 7.57
N ALA A 160 17.81 -1.51 8.84
CA ALA A 160 18.82 -1.55 9.88
C ALA A 160 18.63 -2.82 10.71
N ASP A 161 19.72 -3.32 11.26
CA ASP A 161 19.65 -4.39 12.19
C ASP A 161 19.08 -3.94 13.53
N ALA A 162 18.99 -4.86 14.48
CA ALA A 162 18.40 -4.55 15.81
C ALA A 162 19.21 -3.54 16.68
N GLN A 163 20.50 -3.34 16.36
CA GLN A 163 21.29 -2.24 16.95
C GLN A 163 21.40 -0.97 16.06
N TRP A 164 20.54 -0.87 15.04
CA TRP A 164 20.42 0.30 14.18
C TRP A 164 21.59 0.51 13.22
N ASN A 165 22.21 -0.59 12.82
CA ASN A 165 23.27 -0.52 11.81
C ASN A 165 22.62 -0.67 10.47
N PHE A 166 22.71 0.37 9.67
CA PHE A 166 22.02 0.40 8.38
C PHE A 166 22.79 -0.27 7.27
N THR A 167 22.07 -0.87 6.33
CA THR A 167 22.66 -1.25 5.05
C THR A 167 22.79 -0.04 4.10
N ARG A 168 23.47 -0.24 2.97
CA ARG A 168 23.61 0.81 1.98
C ARG A 168 22.44 0.91 1.00
N TYR A 169 21.49 -0.02 1.10
CA TYR A 169 20.38 -0.06 0.14
C TYR A 169 19.51 1.22 0.36
N ARG A 170 19.08 1.86 -0.71
CA ARG A 170 18.09 2.90 -0.62
C ARG A 170 16.94 2.51 -1.59
N GLY A 171 15.70 2.72 -1.13
CA GLY A 171 14.53 2.18 -1.81
C GLY A 171 13.43 3.19 -1.91
N GLN A 172 12.76 3.23 -3.06
CA GLN A 172 11.63 4.17 -3.22
C GLN A 172 10.41 3.66 -2.44
N ASN A 173 10.26 2.33 -2.31
CA ASN A 173 9.00 1.73 -1.83
C ASN A 173 8.65 2.12 -0.39
N ALA A 174 9.63 2.04 0.52
CA ALA A 174 9.37 2.48 1.89
C ALA A 174 9.04 4.00 1.95
N ASN A 175 9.68 4.81 1.11
CA ASN A 175 9.41 6.25 1.06
C ASN A 175 8.03 6.55 0.52
N MET A 176 7.60 5.76 -0.48
CA MET A 176 6.25 5.86 -1.05
C MET A 176 5.17 5.55 0.00
N HIS A 177 5.35 4.44 0.73
CA HIS A 177 4.42 4.11 1.80
C HIS A 177 4.51 5.09 2.95
N MET A 178 5.69 5.64 3.20
CA MET A 178 5.83 6.66 4.23
C MET A 178 5.10 7.95 3.82
N CYS A 179 5.11 8.32 2.54
CA CYS A 179 4.34 9.49 2.07
C CYS A 179 2.85 9.25 2.35
N GLU A 180 2.36 8.05 2.00
CA GLU A 180 1.00 7.63 2.30
C GLU A 180 0.66 7.70 3.80
N ALA A 181 1.58 7.21 4.66
CA ALA A 181 1.39 7.22 6.11
C ALA A 181 1.38 8.62 6.64
N MET A 182 2.22 9.50 6.07
CA MET A 182 2.29 10.88 6.51
C MET A 182 1.03 11.66 6.16
N LEU A 183 0.45 11.36 4.99
CA LEU A 183 -0.84 11.93 4.62
C LEU A 183 -1.94 11.48 5.59
N ALA A 184 -1.99 10.18 5.90
CA ALA A 184 -2.93 9.66 6.90
C ALA A 184 -2.75 10.32 8.27
N ALA A 185 -1.48 10.53 8.67
CA ALA A 185 -1.13 11.13 9.98
C ALA A 185 -1.66 12.57 10.03
N TYR A 186 -1.49 13.27 8.91
CA TYR A 186 -2.01 14.64 8.79
C TYR A 186 -3.54 14.68 8.88
N GLU A 187 -4.17 13.76 8.16
CA GLU A 187 -5.63 13.70 8.13
C GLU A 187 -6.16 13.41 9.53
N ALA A 188 -5.46 12.59 10.27
CA ALA A 188 -5.88 12.18 11.64
C ALA A 188 -5.60 13.23 12.71
N SER A 189 -4.48 13.94 12.61
CA SER A 189 -3.98 14.79 13.71
C SER A 189 -4.04 16.30 13.42
N GLY A 190 -4.10 16.67 12.14
CA GLY A 190 -3.97 18.04 11.68
C GLY A 190 -2.59 18.66 11.79
N GLU A 191 -1.56 17.91 12.17
CA GLU A 191 -0.22 18.50 12.30
C GLU A 191 0.42 18.73 10.95
N GLN A 192 0.84 19.97 10.72
CA GLN A 192 1.43 20.39 9.48
C GLN A 192 2.70 19.62 9.15
N ARG A 193 3.46 19.24 10.17
CA ARG A 193 4.77 18.58 9.90
C ARG A 193 4.59 17.30 9.09
N TYR A 194 3.51 16.58 9.36
CA TYR A 194 3.26 15.35 8.61
C TYR A 194 2.94 15.59 7.16
N LEU A 195 2.09 16.59 6.86
CA LEU A 195 1.76 16.92 5.49
C LEU A 195 2.99 17.42 4.72
N GLU A 196 3.81 18.22 5.41
CA GLU A 196 4.99 18.77 4.78
C GLU A 196 6.06 17.69 4.51
N ARG A 197 6.16 16.74 5.39
CA ARG A 197 7.10 15.61 5.16
C ARG A 197 6.60 14.79 4.00
N ALA A 198 5.29 14.57 3.94
CA ALA A 198 4.74 13.86 2.75
C ALA A 198 5.09 14.53 1.45
N LEU A 199 4.99 15.87 1.43
CA LEU A 199 5.30 16.61 0.23
C LEU A 199 6.76 16.53 -0.16
N VAL A 200 7.66 16.64 0.83
CA VAL A 200 9.12 16.50 0.59
C VAL A 200 9.43 15.13 -0.06
N LEU A 201 8.87 14.07 0.50
CA LEU A 201 9.07 12.70 -0.02
C LEU A 201 8.57 12.61 -1.46
N ALA A 202 7.36 13.10 -1.71
CA ALA A 202 6.84 13.14 -3.11
C ALA A 202 7.73 13.90 -4.09
N ASP A 203 8.22 15.06 -3.68
CA ASP A 203 9.08 15.85 -4.52
C ASP A 203 10.38 15.11 -4.85
N ARG A 204 11.00 14.57 -3.81
CA ARG A 204 12.31 13.89 -3.98
C ARG A 204 12.15 12.65 -4.87
N ILE A 205 11.13 11.86 -4.62
CA ILE A 205 10.95 10.63 -5.44
C ILE A 205 10.42 10.94 -6.87
N THR A 206 9.29 11.63 -6.99
CA THR A 206 8.60 11.73 -8.28
C THR A 206 9.22 12.79 -9.21
N ARG A 207 10.06 13.68 -8.69
CA ARG A 207 10.79 14.65 -9.50
C ARG A 207 12.27 14.34 -9.55
N ARG A 208 13.00 14.48 -8.45
CA ARG A 208 14.44 14.25 -8.50
C ARG A 208 14.85 12.84 -8.92
N GLN A 209 14.32 11.86 -8.22
CA GLN A 209 14.71 10.47 -8.52
C GLN A 209 14.17 10.01 -9.86
N ALA A 210 12.95 10.39 -10.19
CA ALA A 210 12.37 10.06 -11.50
C ALA A 210 13.22 10.60 -12.66
N ALA A 211 13.83 11.78 -12.48
CA ALA A 211 14.71 12.38 -13.48
C ALA A 211 15.89 11.49 -13.85
N LYS A 212 16.29 10.59 -12.94
CA LYS A 212 17.43 9.73 -13.17
C LYS A 212 17.07 8.47 -13.96
N ALA A 213 15.79 8.29 -14.24
CA ALA A 213 15.34 7.05 -14.90
C ALA A 213 14.30 7.35 -15.94
N ASP A 214 14.53 8.47 -16.62
CA ASP A 214 13.78 8.85 -17.79
C ASP A 214 12.32 9.15 -17.49
N GLY A 215 12.07 9.69 -16.31
CA GLY A 215 10.76 10.18 -15.94
C GLY A 215 9.83 9.23 -15.24
N LEU A 216 10.28 8.01 -14.95
CA LEU A 216 9.52 7.06 -14.13
C LEU A 216 10.34 6.76 -12.88
N VAL A 217 9.67 6.24 -11.85
CA VAL A 217 10.31 5.95 -10.58
C VAL A 217 10.83 4.51 -10.55
N TRP A 218 12.15 4.37 -10.54
CA TRP A 218 12.82 3.10 -10.35
C TRP A 218 12.84 2.75 -8.86
N GLU A 219 12.90 1.47 -8.51
CA GLU A 219 12.76 1.04 -7.14
C GLU A 219 14.01 1.17 -6.29
N HIS A 220 15.17 0.89 -6.88
CA HIS A 220 16.40 0.60 -6.13
C HIS A 220 17.54 1.57 -6.38
N TYR A 221 18.20 1.99 -5.31
CA TYR A 221 19.25 2.98 -5.40
C TYR A 221 20.43 2.64 -4.48
N ASP A 222 21.58 3.27 -4.75
CA ASP A 222 22.73 3.14 -3.90
C ASP A 222 22.65 4.17 -2.75
N MET A 223 23.70 4.22 -1.93
CA MET A 223 23.72 5.13 -0.77
C MET A 223 23.70 6.63 -1.12
N ARG A 224 24.06 6.99 -2.35
CA ARG A 224 24.00 8.36 -2.82
C ARG A 224 22.73 8.64 -3.65
N TRP A 225 21.76 7.74 -3.53
CA TRP A 225 20.53 7.81 -4.27
C TRP A 225 20.71 7.90 -5.80
N GLU A 226 21.78 7.28 -6.30
CA GLU A 226 21.92 7.02 -7.74
C GLU A 226 21.28 5.66 -8.04
N VAL A 227 20.76 5.51 -9.25
CA VAL A 227 20.01 4.32 -9.61
C VAL A 227 20.88 3.06 -9.51
N ASP A 228 20.35 2.01 -8.89
CA ASP A 228 20.98 0.67 -8.89
C ASP A 228 20.18 -0.17 -9.90
N TRP A 229 20.68 -0.30 -11.11
CA TRP A 229 19.95 -1.00 -12.14
C TRP A 229 19.92 -2.54 -11.97
N ASP A 230 20.84 -3.09 -11.17
CA ASP A 230 21.04 -4.52 -11.04
C ASP A 230 20.47 -5.17 -9.77
N TYR A 231 19.99 -4.35 -8.82
CA TYR A 231 19.51 -4.91 -7.56
C TYR A 231 18.36 -5.88 -7.81
N ASN A 232 18.52 -7.10 -7.29
CA ASN A 232 17.55 -8.20 -7.41
C ASN A 232 17.29 -8.62 -8.86
N ARG A 233 18.24 -8.35 -9.76
CA ARG A 233 18.08 -8.83 -11.12
C ARG A 233 17.96 -10.38 -11.09
N ASP A 234 18.69 -11.02 -10.17
CA ASP A 234 18.62 -12.48 -10.03
C ASP A 234 17.58 -13.00 -9.03
N ASN A 235 16.80 -12.11 -8.42
CA ASN A 235 15.64 -12.50 -7.61
C ASN A 235 14.50 -11.54 -7.91
N PRO A 236 14.02 -11.53 -9.16
CA PRO A 236 13.20 -10.42 -9.63
C PRO A 236 11.76 -10.42 -9.15
N LYS A 237 11.30 -11.54 -8.59
CA LYS A 237 9.97 -11.61 -7.99
C LYS A 237 9.99 -11.47 -6.45
N HIS A 238 11.09 -10.98 -5.87
CA HIS A 238 11.12 -10.67 -4.46
C HIS A 238 9.85 -9.86 -4.16
N LEU A 239 9.19 -10.10 -3.02
CA LEU A 239 7.85 -9.54 -2.71
C LEU A 239 7.85 -8.03 -2.51
N PHE A 240 8.88 -7.50 -1.84
CA PHE A 240 8.94 -6.07 -1.57
C PHE A 240 9.91 -5.30 -2.45
N ARG A 241 10.85 -6.01 -3.06
CA ARG A 241 11.94 -5.40 -3.84
C ARG A 241 12.11 -6.16 -5.17
N PRO A 242 11.05 -6.14 -6.00
CA PRO A 242 11.09 -6.83 -7.29
C PRO A 242 12.01 -6.09 -8.26
N TRP A 243 12.43 -6.74 -9.33
CA TRP A 243 13.23 -6.05 -10.33
C TRP A 243 12.35 -5.45 -11.44
N GLY A 244 12.69 -4.25 -11.91
CA GLY A 244 12.04 -3.65 -13.08
C GLY A 244 11.19 -2.46 -12.66
N PHE A 245 10.74 -1.64 -13.64
CA PHE A 245 9.77 -0.61 -13.35
C PHE A 245 8.46 -1.27 -13.01
N GLN A 246 7.83 -0.78 -11.93
CA GLN A 246 6.56 -1.29 -11.44
C GLN A 246 5.49 -0.29 -11.83
N PRO A 247 4.68 -0.58 -12.88
CA PRO A 247 3.62 0.35 -13.22
C PRO A 247 2.69 0.68 -12.05
N GLY A 248 2.43 -0.29 -11.19
CA GLY A 248 1.59 -0.13 -10.01
C GLY A 248 2.12 0.93 -9.08
N HIS A 249 3.43 1.06 -9.02
CA HIS A 249 4.02 2.13 -8.19
C HIS A 249 3.95 3.49 -8.84
N GLN A 250 3.93 3.53 -10.18
CA GLN A 250 3.81 4.80 -10.88
C GLN A 250 2.40 5.35 -10.64
N THR A 251 1.40 4.47 -10.78
CA THR A 251 0.01 4.86 -10.58
C THR A 251 -0.27 5.16 -9.11
N GLU A 252 0.31 4.38 -8.22
CA GLU A 252 0.18 4.64 -6.78
C GLU A 252 0.72 6.02 -6.45
N TRP A 253 1.87 6.38 -7.01
CA TRP A 253 2.37 7.75 -6.81
C TRP A 253 1.43 8.81 -7.39
N ALA A 254 0.86 8.54 -8.57
CA ALA A 254 -0.10 9.46 -9.17
C ALA A 254 -1.26 9.73 -8.19
N LYS A 255 -1.74 8.68 -7.56
CA LYS A 255 -2.78 8.79 -6.54
C LYS A 255 -2.32 9.64 -5.34
N LEU A 256 -1.14 9.33 -4.82
CA LEU A 256 -0.62 10.10 -3.69
C LEU A 256 -0.43 11.57 -4.03
N LEU A 257 0.05 11.88 -5.23
CA LEU A 257 0.21 13.29 -5.67
C LEU A 257 -1.16 13.99 -5.76
N LEU A 258 -2.19 13.27 -6.18
CA LEU A 258 -3.54 13.85 -6.25
C LEU A 258 -4.18 14.02 -4.84
N ILE A 259 -3.80 13.19 -3.90
CA ILE A 259 -4.22 13.39 -2.49
C ILE A 259 -3.47 14.62 -1.94
N LEU A 260 -2.19 14.75 -2.26
CA LEU A 260 -1.46 15.94 -1.84
C LEU A 260 -2.08 17.21 -2.40
N ASP A 261 -2.55 17.14 -3.65
CA ASP A 261 -3.12 18.30 -4.36
C ASP A 261 -4.42 18.80 -3.70
N ARG A 262 -5.08 17.91 -3.02
CA ARG A 262 -6.25 18.22 -2.20
C ARG A 262 -5.92 19.11 -0.98
N TYR A 263 -4.74 18.93 -0.41
CA TYR A 263 -4.35 19.57 0.85
C TYR A 263 -3.32 20.68 0.68
N ILE A 264 -2.63 20.68 -0.46
CA ILE A 264 -1.55 21.64 -0.73
C ILE A 264 -1.80 22.32 -2.06
N GLU A 265 -1.73 23.66 -2.07
CA GLU A 265 -1.83 24.40 -3.32
C GLU A 265 -0.44 24.62 -3.98
N VAL A 266 -0.14 23.83 -5.01
CA VAL A 266 1.16 23.91 -5.70
C VAL A 266 0.98 23.31 -7.12
N GLU A 267 1.64 23.90 -8.12
CA GLU A 267 1.28 23.61 -9.51
C GLU A 267 1.81 22.27 -10.00
N TRP A 268 2.90 21.79 -9.41
CA TRP A 268 3.60 20.65 -10.02
C TRP A 268 2.95 19.29 -9.84
N LEU A 269 2.07 19.12 -8.85
CA LEU A 269 1.59 17.79 -8.51
C LEU A 269 0.82 17.08 -9.65
N VAL A 270 -0.16 17.77 -10.23
CA VAL A 270 -1.04 17.15 -11.22
C VAL A 270 -0.27 16.79 -12.50
N PRO A 271 0.53 17.71 -13.09
CA PRO A 271 1.24 17.35 -14.30
C PRO A 271 2.20 16.15 -14.09
N VAL A 272 2.84 16.09 -12.93
CA VAL A 272 3.71 14.95 -12.62
C VAL A 272 2.88 13.65 -12.51
N ALA A 273 1.76 13.73 -11.79
CA ALA A 273 0.80 12.60 -11.68
C ALA A 273 0.38 12.07 -13.07
N ARG A 274 -0.01 13.00 -13.96
CA ARG A 274 -0.45 12.62 -15.33
C ARG A 274 0.69 11.95 -16.10
N SER A 275 1.91 12.46 -15.97
CA SER A 275 3.07 11.88 -16.68
C SER A 275 3.34 10.45 -16.20
N LEU A 276 3.24 10.22 -14.88
CA LEU A 276 3.50 8.89 -14.34
C LEU A 276 2.42 7.89 -14.78
N PHE A 277 1.18 8.31 -14.65
CA PHE A 277 0.05 7.42 -14.94
C PHE A 277 0.03 7.07 -16.45
N ASP A 278 0.16 8.09 -17.31
CA ASP A 278 -0.06 7.92 -18.77
C ASP A 278 0.98 6.98 -19.32
N VAL A 279 2.24 7.20 -18.96
CA VAL A 279 3.32 6.34 -19.41
C VAL A 279 3.21 4.92 -18.86
N ALA A 280 2.92 4.80 -17.57
CA ALA A 280 2.81 3.47 -16.92
C ALA A 280 1.74 2.60 -17.56
N VAL A 281 0.56 3.13 -17.80
CA VAL A 281 -0.50 2.29 -18.36
C VAL A 281 -0.25 2.01 -19.86
N ALA A 282 0.37 2.95 -20.59
CA ALA A 282 0.73 2.73 -22.00
C ALA A 282 1.69 1.55 -22.14
N ARG A 283 2.68 1.55 -21.29
CA ARG A 283 3.68 0.50 -21.31
C ARG A 283 3.19 -0.84 -20.81
N SER A 284 2.21 -0.86 -19.90
CA SER A 284 1.89 -2.13 -19.19
C SER A 284 0.52 -2.75 -19.43
N TRP A 285 -0.42 -2.04 -20.07
CA TRP A 285 -1.76 -2.59 -20.28
C TRP A 285 -1.71 -3.66 -21.37
N ASP A 286 -2.20 -4.85 -21.05
CA ASP A 286 -2.30 -5.98 -21.98
C ASP A 286 -3.57 -5.76 -22.86
N ALA A 287 -3.40 -5.22 -24.08
CA ALA A 287 -4.55 -4.90 -24.93
C ALA A 287 -5.22 -6.18 -25.43
N VAL A 288 -4.51 -7.30 -25.40
CA VAL A 288 -5.06 -8.58 -25.87
C VAL A 288 -5.87 -9.31 -24.78
N ARG A 289 -5.24 -9.58 -23.64
CA ARG A 289 -5.84 -10.38 -22.56
C ARG A 289 -6.44 -9.54 -21.41
N GLY A 290 -6.20 -8.23 -21.41
CA GLY A 290 -6.68 -7.34 -20.33
C GLY A 290 -5.70 -7.30 -19.16
N GLY A 291 -5.70 -6.17 -18.44
CA GLY A 291 -5.01 -6.08 -17.14
C GLY A 291 -3.64 -5.43 -17.31
N LEU A 292 -3.14 -4.82 -16.23
CA LEU A 292 -1.81 -4.24 -16.23
C LEU A 292 -0.79 -5.30 -15.79
N CYS A 293 0.25 -5.48 -16.63
CA CYS A 293 1.37 -6.37 -16.30
C CYS A 293 2.19 -5.85 -15.12
N TYR A 294 2.93 -6.74 -14.47
CA TYR A 294 3.62 -6.42 -13.21
C TYR A 294 4.84 -5.51 -13.39
N GLY A 295 5.62 -5.73 -14.46
CA GLY A 295 6.94 -5.10 -14.57
C GLY A 295 7.41 -4.93 -15.99
N PHE A 296 8.14 -3.85 -16.24
CA PHE A 296 8.80 -3.65 -17.52
C PHE A 296 10.23 -3.14 -17.30
N ALA A 297 11.11 -3.56 -18.19
CA ALA A 297 12.53 -3.18 -18.12
C ALA A 297 12.71 -1.76 -18.61
N PRO A 298 13.92 -1.19 -18.42
CA PRO A 298 14.19 0.16 -18.93
C PRO A 298 14.12 0.40 -20.46
N ASP A 299 14.08 -0.68 -21.25
CA ASP A 299 13.88 -0.56 -22.71
C ASP A 299 12.40 -0.60 -23.08
N GLY A 300 11.52 -0.75 -22.06
CA GLY A 300 10.07 -0.86 -22.23
C GLY A 300 9.54 -2.28 -22.28
N THR A 301 10.42 -3.27 -22.37
CA THR A 301 9.96 -4.62 -22.60
C THR A 301 9.38 -5.21 -21.32
N ILE A 302 8.20 -5.81 -21.41
CA ILE A 302 7.60 -6.46 -20.25
C ILE A 302 8.52 -7.55 -19.70
N CYS A 303 8.86 -7.46 -18.42
CA CYS A 303 9.73 -8.46 -17.82
C CYS A 303 8.99 -9.40 -16.89
N ASP A 304 7.75 -9.05 -16.52
CA ASP A 304 6.90 -9.91 -15.74
C ASP A 304 5.47 -9.59 -16.16
N ASP A 305 4.84 -10.55 -16.83
CA ASP A 305 3.50 -10.36 -17.32
C ASP A 305 2.41 -10.89 -16.39
N ASP A 306 2.76 -11.36 -15.18
CA ASP A 306 1.76 -11.69 -14.16
C ASP A 306 0.88 -10.44 -13.88
N LYS A 307 -0.36 -10.69 -13.49
CA LYS A 307 -1.33 -9.67 -13.22
C LYS A 307 -1.64 -9.73 -11.72
N TYR A 308 -1.25 -8.69 -10.99
CA TYR A 308 -1.36 -8.65 -9.56
C TYR A 308 -2.56 -7.77 -9.17
N PHE A 309 -3.17 -8.15 -8.08
CA PHE A 309 -4.36 -7.46 -7.56
C PHE A 309 -4.11 -5.96 -7.33
N TRP A 310 -3.02 -5.67 -6.63
CA TRP A 310 -2.77 -4.32 -6.13
C TRP A 310 -2.42 -3.36 -7.25
N VAL A 311 -1.78 -3.87 -8.31
CA VAL A 311 -1.51 -3.06 -9.52
C VAL A 311 -2.79 -2.52 -10.20
N GLN A 312 -3.79 -3.38 -10.32
CA GLN A 312 -5.03 -2.96 -10.89
C GLN A 312 -5.74 -1.95 -9.96
N ALA A 313 -5.72 -2.25 -8.66
CA ALA A 313 -6.45 -1.44 -7.64
C ALA A 313 -5.86 -0.01 -7.54
N GLU A 314 -4.55 0.10 -7.45
CA GLU A 314 -3.90 1.41 -7.27
C GLU A 314 -4.14 2.25 -8.53
N SER A 315 -4.17 1.56 -9.68
CA SER A 315 -4.34 2.22 -10.92
C SER A 315 -5.75 2.77 -11.10
N LEU A 316 -6.76 2.01 -10.70
CA LEU A 316 -8.13 2.54 -10.80
C LEU A 316 -8.38 3.67 -9.81
N ALA A 317 -7.71 3.64 -8.65
CA ALA A 317 -7.89 4.73 -7.69
C ALA A 317 -7.25 6.00 -8.26
N ALA A 318 -6.05 5.87 -8.82
CA ALA A 318 -5.39 6.97 -9.51
C ALA A 318 -6.26 7.53 -10.66
N ALA A 319 -6.85 6.65 -11.48
CA ALA A 319 -7.66 7.06 -12.64
C ALA A 319 -8.85 7.87 -12.19
N ALA A 320 -9.52 7.47 -11.13
CA ALA A 320 -10.66 8.22 -10.59
C ALA A 320 -10.24 9.63 -10.11
N LEU A 321 -9.14 9.70 -9.33
CA LEU A 321 -8.64 11.00 -8.89
C LEU A 321 -8.22 11.92 -10.07
N LEU A 322 -7.55 11.37 -11.07
CA LEU A 322 -7.09 12.11 -12.25
C LEU A 322 -8.29 12.59 -13.04
N ALA A 323 -9.28 11.73 -13.22
CA ALA A 323 -10.53 12.10 -13.92
C ALA A 323 -11.25 13.27 -13.24
N THR A 324 -11.36 13.24 -11.91
CA THR A 324 -12.12 14.25 -11.19
C THR A 324 -11.40 15.59 -11.17
N ARG A 325 -10.09 15.54 -10.99
CA ARG A 325 -9.29 16.77 -11.00
C ARG A 325 -9.14 17.39 -12.40
N SER A 326 -8.89 16.57 -13.40
CA SER A 326 -8.55 17.04 -14.73
C SER A 326 -9.77 17.31 -15.60
N GLY A 327 -10.89 16.67 -15.29
CA GLY A 327 -12.06 16.64 -16.20
C GLY A 327 -11.84 15.86 -17.49
N ASP A 328 -10.73 15.15 -17.62
CA ASP A 328 -10.45 14.40 -18.84
C ASP A 328 -11.15 13.05 -18.75
N GLU A 329 -12.08 12.80 -19.66
CA GLU A 329 -12.93 11.61 -19.63
C GLU A 329 -12.15 10.34 -19.98
N ARG A 330 -10.98 10.49 -20.63
CA ARG A 330 -10.16 9.33 -20.92
C ARG A 330 -9.74 8.65 -19.60
N TYR A 331 -9.62 9.42 -18.51
CA TYR A 331 -9.31 8.83 -17.20
C TYR A 331 -10.48 8.00 -16.63
N TRP A 332 -11.71 8.40 -16.88
CA TRP A 332 -12.83 7.55 -16.48
C TRP A 332 -12.92 6.29 -17.33
N GLN A 333 -12.57 6.39 -18.62
CA GLN A 333 -12.48 5.21 -19.47
C GLN A 333 -11.44 4.23 -18.93
N TRP A 334 -10.32 4.75 -18.43
CA TRP A 334 -9.32 3.86 -17.80
C TRP A 334 -9.88 3.18 -16.56
N TYR A 335 -10.51 3.97 -15.72
CA TYR A 335 -11.21 3.44 -14.53
C TYR A 335 -12.14 2.28 -14.87
N ASP A 336 -12.96 2.48 -15.90
CA ASP A 336 -13.95 1.49 -16.30
C ASP A 336 -13.30 0.22 -16.83
N ARG A 337 -12.25 0.34 -17.63
CA ARG A 337 -11.62 -0.87 -18.16
C ARG A 337 -10.83 -1.66 -17.12
N LEU A 338 -10.23 -0.92 -16.17
CA LEU A 338 -9.53 -1.57 -15.06
C LEU A 338 -10.52 -2.35 -14.23
N TRP A 339 -11.65 -1.73 -13.90
CA TRP A 339 -12.66 -2.47 -13.13
C TRP A 339 -13.24 -3.65 -13.94
N ALA A 340 -13.47 -3.46 -15.24
CA ALA A 340 -14.02 -4.55 -16.05
C ALA A 340 -13.10 -5.75 -16.03
N TYR A 341 -11.79 -5.50 -16.18
CA TYR A 341 -10.81 -6.58 -16.02
C TYR A 341 -10.83 -7.24 -14.62
N ALA A 342 -10.76 -6.40 -13.61
CA ALA A 342 -10.74 -6.89 -12.24
C ALA A 342 -12.02 -7.66 -11.91
N TRP A 343 -13.15 -7.13 -12.28
CA TRP A 343 -14.43 -7.82 -12.00
C TRP A 343 -14.52 -9.20 -12.69
N GLN A 344 -14.04 -9.28 -13.91
CA GLN A 344 -14.11 -10.51 -14.67
C GLN A 344 -13.08 -11.53 -14.19
N HIS A 345 -11.88 -11.09 -13.81
CA HIS A 345 -10.79 -12.03 -13.52
C HIS A 345 -10.21 -12.11 -12.11
N MET A 346 -10.18 -10.99 -11.40
CA MET A 346 -9.46 -10.93 -10.14
C MET A 346 -10.33 -11.00 -8.88
N VAL A 347 -11.57 -10.57 -8.96
CA VAL A 347 -12.44 -10.60 -7.79
C VAL A 347 -13.11 -11.98 -7.68
N ASP A 348 -13.04 -12.57 -6.50
CA ASP A 348 -13.59 -13.92 -6.24
C ASP A 348 -15.07 -13.72 -5.92
N HIS A 349 -15.94 -14.04 -6.87
CA HIS A 349 -17.38 -13.86 -6.69
C HIS A 349 -18.05 -14.96 -5.83
N ARG A 350 -17.34 -16.04 -5.56
CA ARG A 350 -17.85 -17.10 -4.70
CA ARG A 350 -17.84 -17.10 -4.70
C ARG A 350 -17.61 -16.81 -3.22
N TYR A 351 -16.40 -16.37 -2.86
CA TYR A 351 -16.01 -16.18 -1.49
C TYR A 351 -15.69 -14.75 -1.10
N GLY A 352 -15.43 -13.89 -2.10
CA GLY A 352 -15.10 -12.48 -1.85
C GLY A 352 -13.60 -12.28 -1.72
N ALA A 353 -13.21 -10.98 -1.83
CA ALA A 353 -11.83 -10.52 -1.77
C ALA A 353 -11.24 -10.86 -3.15
N TRP A 354 -10.02 -10.39 -3.42
CA TRP A 354 -9.39 -10.59 -4.71
C TRP A 354 -8.36 -11.69 -4.65
N TYR A 355 -8.15 -12.37 -5.79
CA TYR A 355 -7.00 -13.26 -5.91
C TYR A 355 -5.75 -12.40 -5.86
N ARG A 356 -4.63 -12.95 -5.36
CA ARG A 356 -3.40 -12.18 -5.33
C ARG A 356 -2.81 -11.92 -6.74
N LEU A 357 -2.74 -12.95 -7.58
CA LEU A 357 -2.19 -12.79 -8.89
C LEU A 357 -2.68 -13.87 -9.85
N LEU A 358 -2.57 -13.57 -11.13
CA LEU A 358 -2.88 -14.52 -12.18
C LEU A 358 -1.66 -14.50 -13.09
N ASP A 359 -1.48 -15.55 -13.88
CA ASP A 359 -0.44 -15.50 -14.87
C ASP A 359 -0.87 -14.63 -16.07
N GLY A 360 -0.01 -14.47 -17.08
CA GLY A 360 -0.30 -13.54 -18.15
C GLY A 360 -1.54 -13.91 -18.94
N ASP A 361 -1.86 -15.21 -18.93
CA ASP A 361 -3.11 -15.76 -19.51
C ASP A 361 -4.35 -15.73 -18.59
N ASN A 362 -4.23 -14.99 -17.48
CA ASN A 362 -5.32 -14.83 -16.53
C ASN A 362 -5.68 -16.14 -15.84
N ARG A 363 -4.72 -17.03 -15.68
CA ARG A 363 -4.94 -18.27 -14.92
C ARG A 363 -4.39 -18.20 -13.52
N LYS A 364 -5.09 -18.84 -12.58
CA LYS A 364 -4.66 -18.98 -11.20
C LYS A 364 -3.43 -19.85 -11.05
N TYR A 365 -2.51 -19.46 -10.17
CA TYR A 365 -1.37 -20.29 -9.80
C TYR A 365 -1.73 -21.34 -8.75
N ASN A 366 -2.52 -20.95 -7.75
CA ASN A 366 -2.85 -21.82 -6.61
C ASN A 366 -4.00 -21.19 -5.83
N ASP A 367 -4.29 -21.74 -4.66
CA ASP A 367 -5.44 -21.30 -3.85
C ASP A 367 -5.03 -20.39 -2.67
N GLU A 368 -3.81 -19.87 -2.72
CA GLU A 368 -3.29 -18.99 -1.66
C GLU A 368 -3.70 -17.54 -1.90
N LYS A 369 -4.96 -17.23 -1.57
CA LYS A 369 -5.56 -15.93 -1.84
C LYS A 369 -4.83 -14.80 -1.15
N SER A 370 -4.56 -14.98 0.13
CA SER A 370 -3.97 -13.91 0.92
C SER A 370 -2.90 -14.49 1.82
N PRO A 371 -1.67 -14.58 1.29
CA PRO A 371 -0.54 -14.86 2.17
C PRO A 371 -0.16 -13.62 2.98
N ALA A 372 0.80 -13.77 3.86
CA ALA A 372 1.31 -12.68 4.70
C ALA A 372 1.65 -11.50 3.84
N GLY A 373 1.21 -10.32 4.28
CA GLY A 373 1.36 -9.08 3.50
C GLY A 373 0.04 -8.65 2.83
N LYS A 374 -0.81 -9.61 2.46
CA LYS A 374 -2.07 -9.25 1.76
C LYS A 374 -3.25 -9.31 2.69
N THR A 375 -3.96 -8.19 2.80
CA THR A 375 -5.17 -8.12 3.58
C THR A 375 -6.27 -7.50 2.78
N ASP A 376 -6.06 -7.30 1.48
CA ASP A 376 -6.92 -6.45 0.64
C ASP A 376 -7.04 -4.98 1.13
N TYR A 377 -6.06 -4.55 1.91
CA TYR A 377 -5.80 -3.13 2.14
C TYR A 377 -5.72 -2.38 0.82
N HIS A 378 -5.05 -2.93 -0.20
CA HIS A 378 -4.96 -2.22 -1.46
C HIS A 378 -6.30 -2.12 -2.17
N THR A 379 -7.13 -3.18 -2.14
CA THR A 379 -8.35 -3.16 -2.93
C THR A 379 -9.47 -2.35 -2.24
N MET A 380 -9.68 -2.65 -0.96
CA MET A 380 -10.61 -1.85 -0.16
C MET A 380 -10.15 -0.40 -0.03
N GLY A 381 -8.87 -0.19 0.17
CA GLY A 381 -8.29 1.16 0.18
C GLY A 381 -8.54 1.99 -1.08
N ALA A 382 -8.40 1.36 -2.24
CA ALA A 382 -8.74 1.98 -3.48
C ALA A 382 -10.21 2.39 -3.52
N CYS A 383 -11.09 1.53 -3.04
CA CYS A 383 -12.53 1.83 -3.03
C CYS A 383 -12.83 2.98 -2.04
N HIS A 384 -12.19 2.97 -0.89
CA HIS A 384 -12.38 4.07 0.07
C HIS A 384 -11.89 5.36 -0.54
N GLU A 385 -10.78 5.32 -1.27
CA GLU A 385 -10.28 6.51 -1.92
C GLU A 385 -11.25 7.03 -2.99
N VAL A 386 -11.82 6.14 -3.81
CA VAL A 386 -12.75 6.58 -4.85
C VAL A 386 -13.99 7.17 -4.19
N LEU A 387 -14.37 6.65 -3.03
CA LEU A 387 -15.51 7.21 -2.29
C LEU A 387 -15.29 8.68 -1.87
N ASN A 388 -14.04 9.12 -1.78
CA ASN A 388 -13.75 10.55 -1.53
C ASN A 388 -14.08 11.50 -2.68
N VAL A 389 -14.29 11.00 -3.89
CA VAL A 389 -14.55 11.88 -5.03
C VAL A 389 -15.88 11.61 -5.71
N VAL A 390 -16.71 10.71 -5.20
CA VAL A 390 -18.03 10.48 -5.77
C VAL A 390 -19.11 10.77 -4.72
N TRP A 391 -20.35 10.90 -5.17
CA TRP A 391 -21.46 11.19 -4.29
C TRP A 391 -21.73 9.93 -3.51
N THR A 392 -21.88 10.06 -2.18
CA THR A 392 -22.15 8.91 -1.32
C THR A 392 -23.48 9.06 -0.58
#